data_4RAJ
#
_entry.id   4RAJ
#
_cell.length_a   41.930
_cell.length_b   134.770
_cell.length_c   80.690
_cell.angle_alpha   90.00
_cell.angle_beta   90.00
_cell.angle_gamma   90.00
#
_symmetry.space_group_name_H-M   'C 2 2 21'
#
loop_
_entity.id
_entity.type
_entity.pdbx_description
1 polymer 'Heme oxygenase'
2 non-polymer 1-(2-METHOXY-ETHOXY)-2-{2-[2-(2-METHOXY-ETHOXY]-ETHOXY}-ETHANE
3 water water
#
_entity_poly.entity_id   1
_entity_poly.type   'polypeptide(L)'
_entity_poly.pdbx_seq_one_letter_code
;AGHMSDAKATAGSEPEAEPLTKRLSKASRKIHNVSNSLVNARLIALFSDKDLYAKALGCFYYVFVALEAALDEALKKGDA
DVSKFKDVLKGGLYRAPGFKQDVQHYLGATWQAQLGTKSQALKDYEAHLASLGRSSPALLLAHVYTQHLAMASGGQIVKR
WARKIFQLPDDVGTAAFDYTGESNNTLRSAFKKQFDEWGAAQPQELQDQLLSEHLAAFGHNNAIIKAFPLPATAIIAGAI
RVTPRPG
;
_entity_poly.pdbx_strand_id   A
#
# COMPACT_ATOMS: atom_id res chain seq x y z
N GLU A 18 -14.75 13.54 -17.24
CA GLU A 18 -14.39 13.31 -15.85
C GLU A 18 -13.19 12.36 -15.74
N PRO A 19 -12.14 12.80 -15.04
CA PRO A 19 -10.92 12.00 -14.90
C PRO A 19 -11.17 10.72 -14.10
N LEU A 20 -10.45 9.67 -14.45
CA LEU A 20 -10.58 8.37 -13.79
C LEU A 20 -10.36 8.47 -12.28
N THR A 21 -9.36 9.26 -11.90
CA THR A 21 -9.06 9.45 -10.49
C THR A 21 -10.27 9.97 -9.71
N LYS A 22 -11.02 10.87 -10.33
CA LYS A 22 -12.16 11.46 -9.66
C LYS A 22 -13.32 10.47 -9.60
N ARG A 23 -13.49 9.69 -10.66
CA ARG A 23 -14.52 8.66 -10.64
C ARG A 23 -14.23 7.62 -9.56
N LEU A 24 -12.97 7.24 -9.43
CA LEU A 24 -12.60 6.23 -8.44
C LEU A 24 -12.75 6.78 -7.01
N SER A 25 -12.22 7.98 -6.78
CA SER A 25 -12.28 8.57 -5.45
C SER A 25 -13.72 8.82 -5.00
N LYS A 26 -14.59 9.21 -5.94
CA LYS A 26 -16.02 9.36 -5.61
C LYS A 26 -16.65 8.03 -5.25
N ALA A 27 -16.31 6.98 -6.00
CA ALA A 27 -16.90 5.67 -5.73
C ALA A 27 -16.41 5.09 -4.40
N SER A 28 -15.18 5.41 -4.01
CA SER A 28 -14.61 4.81 -2.81
C SER A 28 -14.83 5.64 -1.54
N ARG A 29 -15.60 6.72 -1.65
CA ARG A 29 -15.79 7.64 -0.54
C ARG A 29 -16.28 6.95 0.73
N LYS A 30 -17.31 6.11 0.61
CA LYS A 30 -17.91 5.44 1.77
C LYS A 30 -17.00 4.38 2.40
N ILE A 31 -16.30 3.59 1.59
CA ILE A 31 -15.43 2.56 2.13
C ILE A 31 -14.14 3.20 2.66
N HIS A 32 -13.75 4.34 2.10
CA HIS A 32 -12.59 5.09 2.62
C HIS A 32 -12.87 5.56 4.03
N ASN A 33 -14.07 6.11 4.26
CA ASN A 33 -14.46 6.51 5.60
C ASN A 33 -14.51 5.32 6.56
N VAL A 34 -15.02 4.19 6.09
CA VAL A 34 -14.98 2.97 6.90
C VAL A 34 -13.54 2.59 7.27
N SER A 35 -12.65 2.64 6.29
CA SER A 35 -11.26 2.28 6.52
C SER A 35 -10.57 3.19 7.55
N ASN A 36 -10.74 4.47 7.32
CA ASN A 36 -10.37 5.55 8.24
C ASN A 36 -10.73 5.29 9.71
N SER A 37 -11.97 4.90 9.97
CA SER A 37 -12.39 4.57 11.34
C SER A 37 -11.65 3.34 11.84
N LEU A 38 -11.56 2.32 10.98
CA LEU A 38 -10.87 1.07 11.30
C LEU A 38 -9.42 1.34 11.72
N VAL A 39 -8.72 2.08 10.88
CA VAL A 39 -7.31 2.42 11.14
C VAL A 39 -7.14 3.29 12.39
N ASN A 40 -7.86 4.41 12.45
CA ASN A 40 -7.74 5.26 13.64
C ASN A 40 -8.13 4.53 14.93
N ALA A 41 -9.13 3.66 14.87
CA ALA A 41 -9.55 2.93 16.06
C ALA A 41 -8.48 1.96 16.57
N ARG A 42 -7.53 1.63 15.70
CA ARG A 42 -6.49 0.67 16.07
C ARG A 42 -5.12 1.33 16.33
N LEU A 43 -4.93 2.55 15.85
CA LEU A 43 -3.68 3.29 16.10
C LEU A 43 -3.29 3.37 17.56
N ILE A 44 -4.23 3.76 18.42
CA ILE A 44 -3.90 3.93 19.83
C ILE A 44 -3.45 2.60 20.40
N ALA A 45 -4.10 1.53 19.98
CA ALA A 45 -3.71 0.20 20.41
C ALA A 45 -2.29 -0.10 19.95
N LEU A 46 -2.01 0.18 18.68
CA LEU A 46 -0.69 -0.13 18.13
C LEU A 46 0.43 0.70 18.75
N PHE A 47 0.16 1.98 19.00
CA PHE A 47 1.19 2.87 19.54
C PHE A 47 1.48 2.59 21.01
N SER A 48 0.67 1.71 21.62
CA SER A 48 0.91 1.36 23.02
C SER A 48 2.12 0.46 23.17
N ASP A 49 2.58 -0.12 22.05
CA ASP A 49 3.67 -1.09 22.06
C ASP A 49 4.35 -1.15 20.70
N LYS A 50 5.63 -0.80 20.61
CA LYS A 50 6.29 -0.73 19.31
C LYS A 50 6.31 -2.10 18.65
N ASP A 51 6.32 -3.17 19.46
CA ASP A 51 6.31 -4.51 18.88
C ASP A 51 4.97 -4.81 18.19
N LEU A 52 3.88 -4.34 18.80
CA LEU A 52 2.56 -4.49 18.21
C LEU A 52 2.48 -3.70 16.91
N TYR A 53 2.93 -2.45 16.98
CA TYR A 53 2.98 -1.58 15.83
C TYR A 53 3.72 -2.23 14.66
N ALA A 54 4.89 -2.76 14.94
CA ALA A 54 5.75 -3.35 13.90
C ALA A 54 5.16 -4.64 13.33
N LYS A 55 4.54 -5.45 14.17
CA LYS A 55 3.83 -6.63 13.68
C LYS A 55 2.71 -6.26 12.72
N ALA A 56 2.00 -5.18 13.04
CA ALA A 56 0.93 -4.69 12.17
C ALA A 56 1.51 -4.17 10.86
N LEU A 57 2.61 -3.43 10.93
CA LEU A 57 3.33 -3.00 9.71
C LEU A 57 3.71 -4.20 8.85
N GLY A 58 4.10 -5.28 9.50
CA GLY A 58 4.48 -6.51 8.81
C GLY A 58 3.41 -7.05 7.88
N CYS A 59 2.13 -6.90 8.23
CA CYS A 59 1.04 -7.30 7.33
C CYS A 59 1.18 -6.60 6.01
N PHE A 60 1.44 -5.31 6.07
CA PHE A 60 1.50 -4.53 4.85
C PHE A 60 2.86 -4.58 4.20
N TYR A 61 3.87 -5.00 4.94
CA TYR A 61 5.14 -5.37 4.32
C TYR A 61 4.84 -6.43 3.26
N TYR A 62 4.10 -7.46 3.65
CA TYR A 62 3.75 -8.52 2.70
C TYR A 62 2.84 -8.04 1.58
N VAL A 63 1.92 -7.14 1.89
CA VAL A 63 1.07 -6.58 0.83
C VAL A 63 1.94 -5.90 -0.22
N PHE A 64 2.84 -5.03 0.23
CA PHE A 64 3.68 -4.35 -0.75
C PHE A 64 4.70 -5.27 -1.42
N VAL A 65 5.22 -6.28 -0.73
CA VAL A 65 6.08 -7.25 -1.40
C VAL A 65 5.32 -7.87 -2.59
N ALA A 66 4.06 -8.25 -2.34
CA ALA A 66 3.25 -8.94 -3.34
C ALA A 66 2.96 -8.05 -4.54
N LEU A 67 2.46 -6.84 -4.27
CA LEU A 67 2.13 -5.87 -5.31
C LEU A 67 3.36 -5.51 -6.15
N GLU A 68 4.48 -5.26 -5.48
CA GLU A 68 5.65 -4.80 -6.19
C GLU A 68 6.32 -5.95 -6.97
N ALA A 69 6.20 -7.18 -6.47
CA ALA A 69 6.70 -8.34 -7.21
C ALA A 69 5.89 -8.56 -8.48
N ALA A 70 4.58 -8.37 -8.37
CA ALA A 70 3.67 -8.54 -9.50
C ALA A 70 3.98 -7.48 -10.56
N LEU A 71 4.16 -6.24 -10.13
CA LEU A 71 4.52 -5.15 -11.03
C LEU A 71 5.87 -5.40 -11.71
N ASP A 72 6.83 -5.87 -10.92
CA ASP A 72 8.17 -6.13 -11.47
C ASP A 72 8.13 -7.22 -12.53
N GLU A 73 7.28 -8.20 -12.30
CA GLU A 73 7.04 -9.28 -13.25
C GLU A 73 6.43 -8.75 -14.54
N ALA A 74 5.47 -7.83 -14.41
CA ALA A 74 4.84 -7.23 -15.59
C ALA A 74 5.86 -6.38 -16.36
N LEU A 75 6.69 -5.63 -15.64
CA LEU A 75 7.73 -4.82 -16.30
C LEU A 75 8.74 -5.70 -17.02
N LYS A 76 9.10 -6.82 -16.39
CA LYS A 76 10.04 -7.75 -17.01
C LYS A 76 9.46 -8.37 -18.29
N LYS A 77 8.18 -8.72 -18.26
CA LYS A 77 7.49 -9.24 -19.45
C LYS A 77 7.24 -8.17 -20.51
N GLY A 78 7.57 -6.93 -20.19
CA GLY A 78 7.30 -5.82 -21.08
C GLY A 78 5.83 -5.62 -21.34
N ASP A 79 5.01 -5.70 -20.28
CA ASP A 79 3.59 -5.40 -20.42
C ASP A 79 3.40 -3.98 -20.95
N ALA A 80 2.60 -3.85 -22.00
CA ALA A 80 2.42 -2.57 -22.66
C ALA A 80 1.99 -1.47 -21.70
N ASP A 81 1.07 -1.79 -20.80
CA ASP A 81 0.47 -0.78 -19.93
C ASP A 81 1.38 -0.44 -18.75
N VAL A 82 1.84 -1.47 -18.03
CA VAL A 82 2.66 -1.22 -16.86
C VAL A 82 3.98 -0.56 -17.26
N SER A 83 4.53 -0.97 -18.41
CA SER A 83 5.79 -0.40 -18.88
C SER A 83 5.68 1.11 -19.11
N LYS A 84 4.50 1.58 -19.48
CA LYS A 84 4.31 3.00 -19.67
C LYS A 84 4.52 3.77 -18.37
N PHE A 85 4.38 3.08 -17.24
CA PHE A 85 4.47 3.69 -15.92
C PHE A 85 5.82 3.46 -15.24
N LYS A 86 6.73 2.80 -15.94
CA LYS A 86 8.03 2.45 -15.34
C LYS A 86 8.71 3.61 -14.61
N ASP A 87 8.76 4.79 -15.22
CA ASP A 87 9.45 5.90 -14.57
C ASP A 87 8.78 6.35 -13.26
N VAL A 88 7.45 6.36 -13.21
CA VAL A 88 6.75 6.80 -12.01
C VAL A 88 6.71 5.68 -10.95
N LEU A 89 6.79 4.44 -11.38
CA LEU A 89 6.80 3.31 -10.44
C LEU A 89 8.16 3.08 -9.79
N LYS A 90 9.20 3.17 -10.60
CA LYS A 90 10.53 2.77 -10.16
C LYS A 90 11.35 3.96 -9.67
N GLY A 91 10.69 5.09 -9.43
CA GLY A 91 11.43 6.30 -9.05
C GLY A 91 11.26 6.74 -7.61
N GLY A 92 10.83 5.82 -6.75
CA GLY A 92 10.67 6.09 -5.34
C GLY A 92 9.33 5.70 -4.74
N LEU A 93 8.37 5.33 -5.57
CA LEU A 93 7.07 4.98 -5.05
C LEU A 93 7.09 3.71 -4.19
N TYR A 94 7.94 2.76 -4.57
CA TYR A 94 7.94 1.43 -3.95
C TYR A 94 8.21 1.52 -2.43
N ARG A 95 7.53 0.66 -1.68
CA ARG A 95 7.49 0.71 -0.22
C ARG A 95 8.05 -0.53 0.48
N ALA A 96 8.13 -1.67 -0.20
CA ALA A 96 8.47 -2.92 0.53
C ALA A 96 9.86 -2.83 1.23
N PRO A 97 10.87 -2.22 0.56
CA PRO A 97 12.12 -2.12 1.31
C PRO A 97 12.04 -1.24 2.55
N GLY A 98 11.30 -0.13 2.47
CA GLY A 98 11.05 0.71 3.64
C GLY A 98 10.32 -0.02 4.77
N PHE A 99 9.28 -0.77 4.41
CA PHE A 99 8.60 -1.58 5.43
C PHE A 99 9.54 -2.61 6.06
N LYS A 100 10.34 -3.26 5.23
CA LYS A 100 11.24 -4.27 5.78
C LYS A 100 12.25 -3.63 6.73
N GLN A 101 12.77 -2.46 6.37
CA GLN A 101 13.69 -1.75 7.25
C GLN A 101 13.06 -1.47 8.62
N ASP A 102 11.83 -0.99 8.61
CA ASP A 102 11.14 -0.68 9.87
C ASP A 102 10.89 -1.95 10.69
N VAL A 103 10.42 -3.00 10.04
CA VAL A 103 10.16 -4.25 10.75
C VAL A 103 11.45 -4.80 11.40
N GLN A 104 12.56 -4.78 10.66
CA GLN A 104 13.82 -5.24 11.25
C GLN A 104 14.25 -4.31 12.38
N HIS A 105 14.05 -3.02 12.19
CA HIS A 105 14.41 -2.06 13.24
C HIS A 105 13.70 -2.33 14.56
N TYR A 106 12.38 -2.47 14.51
CA TYR A 106 11.61 -2.61 15.74
C TYR A 106 11.75 -3.98 16.37
N LEU A 107 11.80 -5.02 15.55
CA LEU A 107 11.64 -6.39 16.05
C LEU A 107 12.96 -7.15 16.19
N GLY A 108 13.99 -6.68 15.50
CA GLY A 108 15.32 -7.26 15.68
C GLY A 108 15.49 -8.61 15.02
N ALA A 109 16.39 -9.42 15.58
CA ALA A 109 16.88 -10.61 14.90
C ALA A 109 15.78 -11.59 14.48
N THR A 110 14.78 -11.77 15.35
CA THR A 110 13.74 -12.77 15.09
C THR A 110 12.47 -12.15 14.54
N TRP A 111 12.60 -11.04 13.83
CA TRP A 111 11.43 -10.36 13.26
C TRP A 111 10.51 -11.29 12.47
N GLN A 112 11.07 -12.22 11.70
CA GLN A 112 10.23 -13.05 10.85
C GLN A 112 9.33 -13.96 11.66
N ALA A 113 9.87 -14.56 12.71
CA ALA A 113 9.05 -15.33 13.65
C ALA A 113 8.02 -14.47 14.36
N GLN A 114 8.38 -13.25 14.74
CA GLN A 114 7.44 -12.40 15.48
C GLN A 114 6.29 -11.95 14.60
N LEU A 115 6.44 -12.02 13.28
CA LEU A 115 5.33 -11.68 12.40
C LEU A 115 4.25 -12.76 12.42
N GLY A 116 4.60 -13.94 12.95
CA GLY A 116 3.62 -15.00 13.16
C GLY A 116 3.16 -15.70 11.89
N THR A 117 1.88 -16.01 11.80
CA THR A 117 1.36 -16.62 10.59
C THR A 117 0.51 -15.60 9.82
N LYS A 118 0.54 -15.70 8.50
CA LYS A 118 -0.28 -14.80 7.70
C LYS A 118 -1.76 -15.14 7.86
N SER A 119 -2.59 -14.12 8.01
CA SER A 119 -4.03 -14.32 8.03
C SER A 119 -4.51 -14.84 6.68
N GLN A 120 -5.71 -15.42 6.66
CA GLN A 120 -6.28 -15.86 5.39
C GLN A 120 -6.52 -14.63 4.53
N ALA A 121 -6.92 -13.52 5.16
CA ALA A 121 -7.18 -12.28 4.44
C ALA A 121 -5.94 -11.81 3.68
N LEU A 122 -4.79 -11.89 4.33
CA LEU A 122 -3.53 -11.49 3.67
C LEU A 122 -3.19 -12.45 2.53
N LYS A 123 -3.32 -13.75 2.79
CA LYS A 123 -3.00 -14.74 1.76
C LYS A 123 -3.91 -14.59 0.55
N ASP A 124 -5.18 -14.28 0.79
CA ASP A 124 -6.12 -14.06 -0.29
C ASP A 124 -5.72 -12.86 -1.16
N TYR A 125 -5.25 -11.78 -0.53
CA TYR A 125 -4.84 -10.60 -1.30
C TYR A 125 -3.56 -10.90 -2.06
N GLU A 126 -2.61 -11.59 -1.40
CA GLU A 126 -1.38 -12.00 -2.07
C GLU A 126 -1.67 -12.82 -3.33
N ALA A 127 -2.62 -13.74 -3.22
CA ALA A 127 -3.00 -14.61 -4.33
C ALA A 127 -3.66 -13.80 -5.45
N HIS A 128 -4.50 -12.85 -5.05
CA HIS A 128 -5.20 -12.00 -6.01
C HIS A 128 -4.22 -11.15 -6.81
N LEU A 129 -3.26 -10.54 -6.12
CA LEU A 129 -2.26 -9.72 -6.78
C LEU A 129 -1.40 -10.54 -7.75
N ALA A 130 -0.99 -11.72 -7.31
CA ALA A 130 -0.21 -12.61 -8.18
C ALA A 130 -1.00 -12.98 -9.43
N SER A 131 -2.29 -13.23 -9.24
CA SER A 131 -3.16 -13.59 -10.34
C SER A 131 -3.34 -12.43 -11.31
N LEU A 132 -3.45 -11.21 -10.79
CA LEU A 132 -3.53 -10.04 -11.64
C LEU A 132 -2.25 -9.90 -12.45
N GLY A 133 -1.12 -10.19 -11.81
CA GLY A 133 0.18 -10.04 -12.46
C GLY A 133 0.30 -10.98 -13.64
N ARG A 134 -0.27 -12.18 -13.48
CA ARG A 134 -0.24 -13.18 -14.53
C ARG A 134 -1.19 -12.86 -15.67
N SER A 135 -2.44 -12.57 -15.35
CA SER A 135 -3.49 -12.52 -16.36
C SER A 135 -3.91 -11.11 -16.83
N SER A 136 -3.84 -10.10 -15.97
CA SER A 136 -4.19 -8.74 -16.41
C SER A 136 -3.40 -7.68 -15.66
N PRO A 137 -2.13 -7.50 -16.03
CA PRO A 137 -1.23 -6.64 -15.26
C PRO A 137 -1.67 -5.18 -15.19
N ALA A 138 -2.39 -4.67 -16.18
CA ALA A 138 -2.84 -3.27 -16.10
C ALA A 138 -3.66 -2.98 -14.83
N LEU A 139 -4.40 -3.98 -14.33
CA LEU A 139 -5.28 -3.81 -13.16
C LEU A 139 -4.47 -3.58 -11.88
N LEU A 140 -3.20 -3.97 -11.91
CA LEU A 140 -2.28 -3.67 -10.80
C LEU A 140 -2.15 -2.17 -10.57
N LEU A 141 -2.36 -1.38 -11.62
CA LEU A 141 -2.18 0.07 -11.50
C LEU A 141 -3.27 0.70 -10.64
N ALA A 142 -4.43 0.05 -10.57
CA ALA A 142 -5.49 0.48 -9.67
C ALA A 142 -5.07 0.25 -8.23
N HIS A 143 -4.32 -0.81 -7.99
CA HIS A 143 -3.85 -1.06 -6.64
C HIS A 143 -2.69 -0.16 -6.23
N VAL A 144 -1.87 0.22 -7.21
CA VAL A 144 -0.86 1.24 -6.97
C VAL A 144 -1.55 2.54 -6.57
N TYR A 145 -2.61 2.89 -7.30
CA TYR A 145 -3.33 4.14 -7.05
C TYR A 145 -3.82 4.20 -5.61
N THR A 146 -4.36 3.07 -5.14
CA THR A 146 -4.93 2.96 -3.82
C THR A 146 -3.88 2.87 -2.69
N GLN A 147 -2.91 1.99 -2.88
CA GLN A 147 -1.94 1.63 -1.85
C GLN A 147 -0.76 2.58 -1.79
N HIS A 148 -0.07 2.75 -2.91
CA HIS A 148 1.15 3.54 -2.89
C HIS A 148 0.90 5.01 -2.67
N LEU A 149 -0.21 5.51 -3.18
CA LEU A 149 -0.45 6.95 -3.11
C LEU A 149 -0.94 7.34 -1.70
N ALA A 150 -1.59 6.40 -1.03
CA ALA A 150 -2.00 6.65 0.36
C ALA A 150 -0.78 6.71 1.29
N MET A 151 0.22 5.86 1.04
CA MET A 151 1.46 5.90 1.82
C MET A 151 2.15 7.25 1.72
N ALA A 152 2.06 7.83 0.51
CA ALA A 152 2.69 9.13 0.22
C ALA A 152 1.86 10.29 0.81
N SER A 153 0.66 9.96 1.26
CA SER A 153 -0.33 10.91 1.71
C SER A 153 -0.61 10.84 3.20
N GLY A 154 -1.64 10.06 3.55
CA GLY A 154 -2.06 9.89 4.92
C GLY A 154 -0.97 9.23 5.75
N GLY A 155 -0.17 8.39 5.10
CA GLY A 155 0.97 7.74 5.75
C GLY A 155 1.88 8.70 6.50
N GLN A 156 1.94 9.96 6.06
CA GLN A 156 2.81 10.94 6.71
C GLN A 156 2.30 11.27 8.12
N ILE A 157 1.01 11.05 8.34
CA ILE A 157 0.43 11.31 9.66
C ILE A 157 0.81 10.19 10.63
N VAL A 158 0.72 8.95 10.18
CA VAL A 158 1.18 7.82 10.99
C VAL A 158 2.65 7.99 11.33
N LYS A 159 3.43 8.42 10.35
CA LYS A 159 4.86 8.65 10.53
C LYS A 159 5.14 9.66 11.65
N ARG A 160 4.41 10.77 11.63
CA ARG A 160 4.58 11.81 12.64
C ARG A 160 4.25 11.31 14.05
N TRP A 161 3.19 10.52 14.17
CA TRP A 161 2.81 9.93 15.45
C TRP A 161 3.84 8.91 15.93
N ALA A 162 4.29 8.04 15.03
CA ALA A 162 5.33 7.07 15.39
C ALA A 162 6.56 7.77 15.95
N ARG A 163 7.00 8.83 15.27
CA ARG A 163 8.21 9.53 15.70
C ARG A 163 8.00 10.20 17.06
N LYS A 164 6.81 10.73 17.29
CA LYS A 164 6.50 11.40 18.55
C LYS A 164 6.42 10.40 19.71
N ILE A 165 5.62 9.37 19.54
CA ILE A 165 5.35 8.44 20.63
C ILE A 165 6.54 7.51 20.93
N PHE A 166 7.24 7.08 19.88
CA PHE A 166 8.36 6.17 20.05
C PHE A 166 9.67 6.91 20.21
N GLN A 167 9.61 8.23 20.19
CA GLN A 167 10.79 9.10 20.32
C GLN A 167 11.90 8.70 19.35
N LEU A 168 11.54 8.61 18.08
CA LEU A 168 12.48 8.14 17.06
C LEU A 168 13.47 9.21 16.61
N PRO A 169 14.73 8.80 16.37
CA PRO A 169 15.67 9.63 15.61
C PRO A 169 15.07 10.02 14.25
N ASP A 170 15.57 11.09 13.65
CA ASP A 170 14.92 11.60 12.45
C ASP A 170 15.08 10.69 11.23
N ASP A 171 16.02 9.74 11.30
CA ASP A 171 16.37 8.92 10.14
C ASP A 171 16.17 7.42 10.35
N VAL A 172 15.44 7.06 11.41
CA VAL A 172 15.18 5.66 11.72
C VAL A 172 13.72 5.46 12.15
N GLY A 173 13.13 4.31 11.78
CA GLY A 173 11.85 3.95 12.35
C GLY A 173 10.61 4.29 11.55
N THR A 174 10.74 5.12 10.53
CA THR A 174 9.59 5.42 9.67
C THR A 174 9.93 5.28 8.20
N ALA A 175 10.80 4.32 7.88
CA ALA A 175 11.24 4.14 6.49
C ALA A 175 10.08 3.74 5.57
N ALA A 176 9.07 3.09 6.13
CA ALA A 176 7.87 2.72 5.37
C ALA A 176 7.19 3.96 4.79
N PHE A 177 7.34 5.09 5.49
CA PHE A 177 6.67 6.34 5.14
C PHE A 177 7.63 7.43 4.65
N ASP A 178 8.90 7.09 4.45
CA ASP A 178 9.89 8.09 4.05
C ASP A 178 10.05 8.18 2.53
N TYR A 179 10.31 9.41 2.05
CA TYR A 179 10.57 9.66 0.64
C TYR A 179 11.78 10.56 0.53
N THR A 180 12.95 9.96 0.63
CA THR A 180 14.19 10.72 0.77
C THR A 180 14.84 11.10 -0.56
N GLY A 181 14.28 10.63 -1.67
CA GLY A 181 14.75 11.01 -2.99
C GLY A 181 13.75 11.95 -3.66
N GLU A 182 13.01 11.44 -4.62
CA GLU A 182 11.87 12.17 -5.18
C GLU A 182 10.84 12.45 -4.08
N SER A 183 10.28 13.65 -4.04
CA SER A 183 9.32 13.98 -2.98
C SER A 183 8.04 13.16 -3.10
N ASN A 184 7.38 12.92 -1.97
CA ASN A 184 6.11 12.22 -1.98
C ASN A 184 5.09 12.97 -2.84
N ASN A 185 5.10 14.30 -2.75
CA ASN A 185 4.17 15.10 -3.54
C ASN A 185 4.38 14.96 -5.04
N THR A 186 5.63 14.95 -5.47
CA THR A 186 5.93 14.81 -6.89
C THR A 186 5.55 13.41 -7.38
N LEU A 187 5.87 12.38 -6.60
CA LEU A 187 5.58 11.00 -7.01
C LEU A 187 4.08 10.79 -7.15
N ARG A 188 3.34 11.34 -6.21
CA ARG A 188 1.90 11.15 -6.20
C ARG A 188 1.25 11.90 -7.38
N SER A 189 1.65 13.15 -7.63
CA SER A 189 1.01 13.93 -8.70
C SER A 189 1.39 13.37 -10.08
N ALA A 190 2.63 12.93 -10.23
CA ALA A 190 3.09 12.35 -11.50
C ALA A 190 2.34 11.07 -11.84
N PHE A 191 2.14 10.22 -10.84
CA PHE A 191 1.38 9.00 -11.08
C PHE A 191 -0.07 9.32 -11.43
N LYS A 192 -0.67 10.24 -10.68
CA LYS A 192 -2.06 10.62 -10.93
C LYS A 192 -2.26 11.12 -12.35
N LYS A 193 -1.39 12.02 -12.78
CA LYS A 193 -1.48 12.61 -14.10
C LYS A 193 -1.41 11.55 -15.20
N GLN A 194 -0.43 10.65 -15.08
CA GLN A 194 -0.31 9.59 -16.07
C GLN A 194 -1.45 8.58 -15.97
N PHE A 195 -1.87 8.23 -14.75
CA PHE A 195 -2.97 7.30 -14.55
C PHE A 195 -4.24 7.82 -15.22
N ASP A 196 -4.49 9.12 -15.11
CA ASP A 196 -5.67 9.72 -15.73
C ASP A 196 -5.55 9.76 -17.26
N GLU A 197 -4.36 10.07 -17.76
CA GLU A 197 -4.17 10.13 -19.22
C GLU A 197 -4.23 8.77 -19.86
N TRP A 198 -3.57 7.81 -19.25
CA TRP A 198 -3.57 6.45 -19.75
C TRP A 198 -4.99 5.83 -19.60
N GLY A 199 -5.61 6.07 -18.45
CA GLY A 199 -6.91 5.50 -18.15
C GLY A 199 -7.97 5.94 -19.14
N ALA A 200 -7.93 7.21 -19.53
CA ALA A 200 -8.90 7.75 -20.47
C ALA A 200 -8.79 7.12 -21.87
N ALA A 201 -7.63 6.56 -22.18
CA ALA A 201 -7.41 5.92 -23.47
C ALA A 201 -7.84 4.44 -23.49
N GLN A 202 -8.33 3.93 -22.35
CA GLN A 202 -8.72 2.54 -22.27
C GLN A 202 -10.20 2.31 -22.56
N PRO A 203 -10.54 1.11 -23.05
CA PRO A 203 -11.94 0.71 -23.25
C PRO A 203 -12.74 0.84 -21.96
N GLN A 204 -14.02 1.16 -22.08
CA GLN A 204 -14.88 1.33 -20.90
C GLN A 204 -14.83 0.12 -19.95
N GLU A 205 -14.70 -1.09 -20.51
CA GLU A 205 -14.67 -2.31 -19.70
C GLU A 205 -13.48 -2.31 -18.74
N LEU A 206 -12.31 -1.90 -19.27
CA LEU A 206 -11.08 -1.82 -18.46
C LEU A 206 -11.16 -0.68 -17.44
N GLN A 207 -11.73 0.45 -17.82
CA GLN A 207 -11.95 1.53 -16.86
C GLN A 207 -12.85 1.07 -15.70
N ASP A 208 -13.91 0.30 -16.02
CA ASP A 208 -14.78 -0.26 -14.98
C ASP A 208 -14.01 -1.23 -14.08
N GLN A 209 -13.14 -2.03 -14.67
CA GLN A 209 -12.33 -2.96 -13.90
C GLN A 209 -11.40 -2.26 -12.96
N LEU A 210 -10.84 -1.13 -13.40
CA LEU A 210 -9.95 -0.35 -12.55
C LEU A 210 -10.69 0.21 -11.36
N LEU A 211 -11.90 0.68 -11.58
CA LEU A 211 -12.79 1.08 -10.49
C LEU A 211 -12.99 -0.09 -9.52
N SER A 212 -13.33 -1.25 -10.05
CA SER A 212 -13.59 -2.41 -9.21
C SER A 212 -12.36 -2.79 -8.41
N GLU A 213 -11.18 -2.73 -9.02
CA GLU A 213 -9.98 -3.15 -8.32
C GLU A 213 -9.58 -2.14 -7.25
N HIS A 214 -9.85 -0.86 -7.49
CA HIS A 214 -9.65 0.22 -6.51
C HIS A 214 -10.49 -0.08 -5.25
N LEU A 215 -11.77 -0.40 -5.43
CA LEU A 215 -12.62 -0.74 -4.30
C LEU A 215 -12.12 -2.01 -3.61
N ALA A 216 -11.62 -2.96 -4.39
CA ALA A 216 -11.17 -4.25 -3.85
C ALA A 216 -9.97 -4.06 -2.94
N ALA A 217 -9.12 -3.08 -3.27
CA ALA A 217 -7.94 -2.83 -2.44
C ALA A 217 -8.36 -2.36 -1.05
N PHE A 218 -9.37 -1.49 -0.98
CA PHE A 218 -9.91 -1.10 0.32
C PHE A 218 -10.47 -2.32 1.04
N GLY A 219 -11.22 -3.13 0.32
CA GLY A 219 -11.84 -4.32 0.89
C GLY A 219 -10.81 -5.27 1.47
N HIS A 220 -9.75 -5.53 0.70
CA HIS A 220 -8.68 -6.41 1.16
C HIS A 220 -7.98 -5.82 2.38
N ASN A 221 -7.67 -4.52 2.33
CA ASN A 221 -6.98 -3.86 3.42
C ASN A 221 -7.81 -3.96 4.68
N ASN A 222 -9.11 -3.74 4.57
CA ASN A 222 -9.96 -3.77 5.76
C ASN A 222 -9.99 -5.17 6.37
N ALA A 223 -10.02 -6.18 5.51
CA ALA A 223 -10.03 -7.58 5.94
C ALA A 223 -8.74 -7.92 6.67
N ILE A 224 -7.63 -7.44 6.15
CA ILE A 224 -6.31 -7.70 6.74
C ILE A 224 -6.18 -7.01 8.09
N ILE A 225 -6.64 -5.76 8.15
CA ILE A 225 -6.66 -5.02 9.41
C ILE A 225 -7.51 -5.71 10.48
N LYS A 226 -8.69 -6.17 10.10
CA LYS A 226 -9.61 -6.76 11.06
C LYS A 226 -9.12 -8.13 11.54
N ALA A 227 -8.35 -8.81 10.70
CA ALA A 227 -7.86 -10.14 11.04
C ALA A 227 -6.65 -10.09 11.98
N PHE A 228 -6.10 -8.90 12.18
CA PHE A 228 -4.90 -8.75 13.00
C PHE A 228 -5.25 -8.92 14.46
N PRO A 229 -4.52 -9.79 15.17
CA PRO A 229 -4.80 -10.11 16.57
C PRO A 229 -4.33 -9.03 17.54
N LEU A 230 -5.24 -8.14 17.91
CA LEU A 230 -4.93 -7.09 18.87
C LEU A 230 -5.27 -7.49 20.30
N PRO A 231 -4.24 -7.56 21.17
CA PRO A 231 -4.42 -7.88 22.58
C PRO A 231 -5.50 -7.02 23.24
N ALA A 232 -6.25 -7.59 24.18
CA ALA A 232 -7.26 -6.82 24.91
C ALA A 232 -6.62 -5.65 25.66
N THR A 233 -5.40 -5.86 26.13
CA THR A 233 -4.68 -4.83 26.88
C THR A 233 -4.30 -3.64 26.00
#